data_3A9H
#
_entry.id   3A9H
#
_cell.length_a   177.344
_cell.length_b   177.344
_cell.length_c   89.743
_cell.angle_alpha   90.00
_cell.angle_beta   90.00
_cell.angle_gamma   90.00
#
_symmetry.space_group_name_H-M   'I 41 2 2'
#
loop_
_entity.id
_entity.type
_entity.pdbx_description
1 polymer 'Putative uncharacterized protein'
2 branched alpha-D-glucopyranose-(1-1)-alpha-D-glucopyranose
3 non-polymer 'CALCIUM ION'
4 non-polymer 'PYRROLOQUINOLINE QUINONE'
5 water water
#
_entity_poly.entity_id   1
_entity_poly.type   'polypeptide(L)'
_entity_poly.pdbx_seq_one_letter_code
;SLGLLTALIRKGPSEEWKFKISEVASDLEVPWSIAPLGGGRYLVTERPGRLVLISPSGKKLVASFDVANVGEAGLLGLAL
HPEFPKKSWVYLYASYFAEGGHIRNRVIRGRLDGSTFKLKEVKTLIDGIPGAYIHNGGRIRFGPDGMLYITTGDAADPRL
AQDLSSLAGKILRVDEEGRPPADNPFPNSPIWSYGHRNPQGIDWHRASGVMVATEHGPVGHDEVNIILKGGNYGWPLATG
KAGRGEFVDPVIDTGSETWAPSGASFVHGDMFPGLRGWLLIACLRGSMLAAVNFGDNMEVRKISTFFKNVFGRLRDVVID
DDGGILISTSNRDGRGSLRAGDDKILKIVSEQHT
;
_entity_poly.pdbx_strand_id   A
#
# COMPACT_ATOMS: atom_id res chain seq x y z
N GLU A 16 15.63 12.06 -21.60
CA GLU A 16 14.15 12.06 -21.36
C GLU A 16 13.66 10.62 -21.28
N TRP A 17 12.74 10.35 -20.36
CA TRP A 17 12.04 9.06 -20.25
C TRP A 17 10.91 8.93 -21.31
N LYS A 18 10.87 7.78 -21.99
CA LYS A 18 9.96 7.56 -23.12
C LYS A 18 9.04 6.34 -22.91
N PHE A 19 7.74 6.53 -23.11
CA PHE A 19 6.74 5.53 -22.70
C PHE A 19 5.39 5.70 -23.41
N LYS A 20 4.58 4.65 -23.35
CA LYS A 20 3.19 4.69 -23.79
C LYS A 20 2.27 4.34 -22.60
N ILE A 21 1.22 5.13 -22.37
CA ILE A 21 0.27 4.81 -21.30
C ILE A 21 -1.16 4.54 -21.79
N SER A 22 -1.70 3.38 -21.44
CA SER A 22 -3.09 3.07 -21.73
C SER A 22 -3.93 3.02 -20.44
N GLU A 23 -5.24 3.14 -20.62
CA GLU A 23 -6.19 2.95 -19.54
C GLU A 23 -6.63 1.49 -19.50
N VAL A 24 -6.32 0.81 -18.40
CA VAL A 24 -6.59 -0.62 -18.27
C VAL A 24 -8.01 -0.85 -17.80
N ALA A 25 -8.53 0.09 -17.02
CA ALA A 25 -9.89 -0.01 -16.50
C ALA A 25 -10.31 1.37 -16.09
N SER A 26 -11.61 1.59 -16.01
CA SER A 26 -12.11 2.91 -15.68
C SER A 26 -13.42 2.88 -14.94
N ASP A 27 -13.89 4.07 -14.59
CA ASP A 27 -14.84 4.34 -13.50
C ASP A 27 -14.89 3.36 -12.33
N LEU A 28 -13.73 3.21 -11.69
CA LEU A 28 -13.63 2.58 -10.40
C LEU A 28 -13.93 3.65 -9.32
N GLU A 29 -14.35 3.23 -8.15
CA GLU A 29 -14.51 4.19 -7.09
C GLU A 29 -13.36 3.97 -6.08
N VAL A 30 -12.40 4.90 -6.08
CA VAL A 30 -11.23 4.82 -5.20
C VAL A 30 -10.58 3.42 -5.24
N PRO A 31 -10.03 3.01 -6.40
CA PRO A 31 -9.31 1.70 -6.47
C PRO A 31 -8.08 1.75 -5.55
N TRP A 32 -8.15 1.03 -4.42
CA TRP A 32 -7.15 1.19 -3.35
C TRP A 32 -5.92 0.37 -3.63
N SER A 33 -6.13 -0.85 -4.10
CA SER A 33 -5.02 -1.79 -4.20
C SER A 33 -5.17 -2.66 -5.47
N ILE A 34 -4.05 -2.88 -6.17
CA ILE A 34 -4.03 -3.66 -7.42
C ILE A 34 -3.16 -4.87 -7.27
N ALA A 35 -3.70 -6.03 -7.59
CA ALA A 35 -2.95 -7.27 -7.57
C ALA A 35 -2.99 -7.92 -8.97
N PRO A 36 -1.86 -7.84 -9.70
CA PRO A 36 -1.70 -8.44 -11.04
C PRO A 36 -1.93 -9.94 -11.01
N LEU A 37 -2.75 -10.43 -11.93
CA LEU A 37 -2.93 -11.87 -12.08
C LEU A 37 -2.14 -12.52 -13.24
N GLY A 38 -1.60 -11.69 -14.15
CA GLY A 38 -0.96 -12.21 -15.36
C GLY A 38 -2.00 -12.28 -16.48
N GLY A 39 -1.55 -12.10 -17.72
CA GLY A 39 -2.45 -12.15 -18.88
C GLY A 39 -3.49 -11.04 -18.91
N GLY A 40 -3.11 -9.86 -18.44
CA GLY A 40 -4.02 -8.71 -18.45
C GLY A 40 -5.24 -8.86 -17.55
N ARG A 41 -5.17 -9.76 -16.58
CA ARG A 41 -6.17 -9.86 -15.50
C ARG A 41 -5.64 -9.18 -14.21
N TYR A 42 -6.51 -8.49 -13.47
CA TYR A 42 -6.14 -7.84 -12.20
C TYR A 42 -7.23 -7.92 -11.17
N LEU A 43 -6.86 -8.19 -9.93
CA LEU A 43 -7.79 -7.97 -8.81
C LEU A 43 -7.58 -6.59 -8.24
N VAL A 44 -8.68 -5.90 -7.93
CA VAL A 44 -8.63 -4.56 -7.42
C VAL A 44 -9.65 -4.44 -6.30
N THR A 45 -9.31 -3.69 -5.26
CA THR A 45 -10.29 -3.30 -4.27
C THR A 45 -10.76 -1.89 -4.57
N GLU A 46 -12.05 -1.65 -4.34
CA GLU A 46 -12.59 -0.33 -4.36
C GLU A 46 -12.96 -0.01 -2.92
N ARG A 47 -12.53 1.16 -2.48
CA ARG A 47 -12.65 1.52 -1.09
C ARG A 47 -14.09 1.35 -0.51
N PRO A 48 -15.15 1.66 -1.28
CA PRO A 48 -16.50 1.45 -0.72
C PRO A 48 -16.88 0.03 -0.32
N GLY A 49 -16.07 -0.95 -0.66
CA GLY A 49 -16.30 -2.30 -0.19
C GLY A 49 -16.49 -3.34 -1.28
N ARG A 50 -15.72 -3.26 -2.37
CA ARG A 50 -15.81 -4.32 -3.36
C ARG A 50 -14.50 -4.75 -4.00
N LEU A 51 -14.41 -6.04 -4.28
CA LEU A 51 -13.26 -6.65 -4.90
C LEU A 51 -13.67 -7.01 -6.32
N VAL A 52 -13.03 -6.36 -7.29
CA VAL A 52 -13.36 -6.57 -8.69
C VAL A 52 -12.24 -7.29 -9.43
N LEU A 53 -12.63 -8.18 -10.36
CA LEU A 53 -11.71 -8.74 -11.35
C LEU A 53 -11.75 -7.93 -12.65
N ILE A 54 -10.57 -7.56 -13.12
CA ILE A 54 -10.46 -6.81 -14.34
C ILE A 54 -9.80 -7.73 -15.34
N SER A 55 -10.45 -7.86 -16.50
CA SER A 55 -9.96 -8.66 -17.60
C SER A 55 -10.00 -7.83 -18.88
N PRO A 56 -9.26 -8.28 -19.92
CA PRO A 56 -9.28 -7.57 -21.23
C PRO A 56 -10.71 -7.56 -21.75
N SER A 57 -11.33 -8.74 -21.69
CA SER A 57 -12.78 -8.96 -21.76
C SER A 57 -13.67 -7.88 -21.05
N GLY A 58 -13.53 -7.70 -19.72
CA GLY A 58 -14.36 -6.69 -19.00
C GLY A 58 -14.16 -6.56 -17.49
N LYS A 59 -15.22 -6.15 -16.77
CA LYS A 59 -15.16 -5.94 -15.32
C LYS A 59 -16.13 -6.86 -14.57
N LYS A 60 -15.60 -7.65 -13.63
CA LYS A 60 -16.42 -8.59 -12.89
C LYS A 60 -16.30 -8.42 -11.36
N LEU A 61 -17.44 -8.35 -10.67
CA LEU A 61 -17.54 -8.27 -9.20
C LEU A 61 -17.30 -9.62 -8.51
N VAL A 62 -16.19 -9.75 -7.79
CA VAL A 62 -15.81 -11.01 -7.13
C VAL A 62 -16.48 -11.17 -5.76
N ALA A 63 -16.56 -10.07 -5.01
CA ALA A 63 -17.03 -10.05 -3.63
C ALA A 63 -17.37 -8.63 -3.21
N SER A 64 -18.38 -8.52 -2.34
CA SER A 64 -18.77 -7.25 -1.72
C SER A 64 -18.57 -7.38 -0.22
N PHE A 65 -18.33 -6.25 0.43
CA PHE A 65 -18.10 -6.24 1.86
C PHE A 65 -18.73 -5.01 2.47
N ASP A 66 -19.39 -5.23 3.60
CA ASP A 66 -19.99 -4.18 4.35
C ASP A 66 -18.91 -3.48 5.21
N VAL A 67 -18.24 -2.46 4.67
CA VAL A 67 -17.11 -1.83 5.35
C VAL A 67 -17.51 -0.46 5.92
N ALA A 68 -16.72 0.07 6.83
CA ALA A 68 -16.92 1.45 7.26
C ALA A 68 -16.39 2.35 6.14
N ASN A 69 -17.31 2.81 5.29
CA ASN A 69 -16.97 3.58 4.11
C ASN A 69 -17.13 5.04 4.46
N VAL A 70 -16.18 5.52 5.23
CA VAL A 70 -16.26 6.87 5.75
C VAL A 70 -14.83 7.42 5.84
N GLY A 71 -14.66 8.73 5.56
CA GLY A 71 -13.33 9.35 5.58
C GLY A 71 -12.33 8.55 4.76
N GLU A 72 -11.19 8.21 5.34
CA GLU A 72 -10.16 7.41 4.66
C GLU A 72 -10.32 5.90 4.89
N ALA A 73 -11.35 5.52 5.64
CA ALA A 73 -11.60 4.10 5.92
C ALA A 73 -12.41 3.42 4.81
N GLY A 74 -12.26 2.10 4.71
CA GLY A 74 -13.08 1.30 3.82
C GLY A 74 -12.38 -0.01 3.54
N LEU A 75 -12.54 -0.51 2.31
CA LEU A 75 -11.81 -1.69 1.87
C LEU A 75 -10.51 -1.24 1.18
N LEU A 76 -9.38 -1.72 1.67
CA LEU A 76 -8.09 -1.10 1.40
C LEU A 76 -7.11 -2.10 0.77
N GLY A 77 -6.13 -2.56 1.53
CA GLY A 77 -5.10 -3.43 1.01
C GLY A 77 -5.61 -4.77 0.49
N LEU A 78 -4.81 -5.36 -0.39
CA LEU A 78 -5.15 -6.63 -1.02
C LEU A 78 -3.82 -7.34 -1.24
N ALA A 79 -3.76 -8.63 -0.93
CA ALA A 79 -2.55 -9.39 -1.21
C ALA A 79 -2.92 -10.83 -1.56
N LEU A 80 -2.27 -11.35 -2.60
CA LEU A 80 -2.41 -12.75 -2.97
C LEU A 80 -1.35 -13.56 -2.27
N HIS A 81 -1.73 -14.75 -1.79
CA HIS A 81 -0.77 -15.66 -1.16
C HIS A 81 0.43 -15.89 -2.06
N PRO A 82 1.64 -15.99 -1.49
CA PRO A 82 2.80 -16.21 -2.38
C PRO A 82 2.68 -17.43 -3.34
N GLU A 83 1.86 -18.41 -2.97
CA GLU A 83 1.61 -19.61 -3.78
C GLU A 83 0.34 -19.52 -4.63
N PHE A 84 -0.20 -18.32 -4.83
CA PHE A 84 -1.39 -18.16 -5.65
C PHE A 84 -1.05 -18.45 -7.11
N PRO A 85 -1.95 -19.14 -7.86
CA PRO A 85 -3.31 -19.66 -7.57
C PRO A 85 -3.36 -21.08 -6.99
N LYS A 86 -2.20 -21.72 -6.91
CA LYS A 86 -2.04 -23.06 -6.37
C LYS A 86 -2.54 -23.14 -4.92
N LYS A 87 -2.13 -22.18 -4.08
CA LYS A 87 -2.77 -21.93 -2.78
C LYS A 87 -3.62 -20.68 -2.99
N SER A 88 -4.93 -20.87 -3.04
CA SER A 88 -5.84 -19.85 -3.54
C SER A 88 -6.23 -18.75 -2.52
N TRP A 89 -5.36 -18.49 -1.56
CA TRP A 89 -5.66 -17.51 -0.52
C TRP A 89 -5.48 -16.03 -0.93
N VAL A 90 -6.51 -15.24 -0.63
CA VAL A 90 -6.47 -13.80 -0.89
C VAL A 90 -6.79 -13.04 0.41
N TYR A 91 -5.91 -12.12 0.76
CA TYR A 91 -5.99 -11.32 1.99
C TYR A 91 -6.47 -9.92 1.67
N LEU A 92 -7.32 -9.39 2.55
CA LEU A 92 -7.87 -8.04 2.45
C LEU A 92 -7.76 -7.32 3.78
N TYR A 93 -7.68 -6.00 3.73
CA TYR A 93 -7.65 -5.17 4.91
C TYR A 93 -8.89 -4.31 4.85
N ALA A 94 -9.68 -4.31 5.92
CA ALA A 94 -10.99 -3.68 5.82
C ALA A 94 -11.39 -2.94 7.09
N SER A 95 -12.00 -1.78 6.93
CA SER A 95 -12.53 -1.05 8.05
C SER A 95 -13.94 -1.53 8.37
N TYR A 96 -14.32 -1.48 9.64
CA TYR A 96 -15.66 -1.84 10.07
C TYR A 96 -16.10 -0.99 11.27
N PHE A 97 -17.40 -0.88 11.50
CA PHE A 97 -17.92 -0.23 12.68
C PHE A 97 -17.96 -1.24 13.82
N ALA A 98 -17.22 -0.96 14.91
CA ALA A 98 -17.14 -1.85 16.05
C ALA A 98 -18.23 -1.49 17.05
N GLU A 99 -18.20 -2.14 18.22
CA GLU A 99 -19.13 -1.83 19.33
C GLU A 99 -19.06 -0.33 19.66
N GLY A 100 -20.22 0.30 19.78
CA GLY A 100 -20.32 1.71 20.07
C GLY A 100 -20.25 2.63 18.86
N GLY A 101 -20.05 2.07 17.67
CA GLY A 101 -19.97 2.86 16.44
C GLY A 101 -18.60 3.39 16.04
N HIS A 102 -17.56 3.00 16.76
CA HIS A 102 -16.18 3.36 16.45
C HIS A 102 -15.59 2.56 15.29
N ILE A 103 -14.72 3.20 14.53
CA ILE A 103 -14.13 2.58 13.36
C ILE A 103 -12.94 1.77 13.80
N ARG A 104 -12.88 0.51 13.37
CA ARG A 104 -11.73 -0.33 13.61
C ARG A 104 -11.36 -1.02 12.30
N ASN A 105 -10.25 -1.75 12.29
CA ASN A 105 -9.74 -2.36 11.09
C ASN A 105 -9.45 -3.82 11.35
N ARG A 106 -9.63 -4.65 10.31
CA ARG A 106 -9.27 -6.08 10.37
C ARG A 106 -8.54 -6.54 9.09
N VAL A 107 -7.91 -7.70 9.19
CA VAL A 107 -7.36 -8.38 8.05
C VAL A 107 -8.12 -9.69 7.94
N ILE A 108 -8.68 -9.95 6.76
CA ILE A 108 -9.46 -11.15 6.48
C ILE A 108 -8.79 -11.96 5.36
N ARG A 109 -9.30 -13.18 5.15
CA ARG A 109 -8.75 -14.07 4.14
C ARG A 109 -9.84 -14.99 3.65
N GLY A 110 -9.89 -15.18 2.34
CA GLY A 110 -10.77 -16.16 1.73
C GLY A 110 -10.03 -16.96 0.68
N ARG A 111 -10.67 -18.04 0.24
CA ARG A 111 -10.21 -18.82 -0.92
C ARG A 111 -10.87 -18.32 -2.18
N LEU A 112 -10.07 -17.91 -3.16
CA LEU A 112 -10.64 -17.46 -4.44
C LEU A 112 -10.81 -18.65 -5.37
N ASP A 113 -12.05 -18.85 -5.83
CA ASP A 113 -12.31 -19.89 -6.80
C ASP A 113 -11.72 -19.52 -8.17
N GLY A 114 -10.69 -20.27 -8.59
CA GLY A 114 -10.03 -20.01 -9.85
C GLY A 114 -10.94 -20.21 -11.05
N SER A 115 -12.12 -20.76 -10.80
CA SER A 115 -13.18 -20.78 -11.80
C SER A 115 -14.51 -20.29 -11.21
N THR A 116 -15.25 -19.55 -12.01
CA THR A 116 -16.41 -18.81 -11.50
C THR A 116 -15.99 -17.82 -10.42
N PHE A 117 -15.09 -16.89 -10.94
CA PHE A 117 -14.29 -16.19 -9.83
C PHE A 117 -15.30 -15.65 -8.80
N LYS A 118 -15.23 -16.55 -7.53
CA LYS A 118 -15.95 -16.17 -6.32
C LYS A 118 -15.13 -16.46 -5.07
N LEU A 119 -15.37 -15.69 -4.02
CA LEU A 119 -14.59 -15.79 -2.80
C LEU A 119 -15.32 -16.65 -1.78
N LYS A 120 -14.59 -17.57 -1.17
CA LYS A 120 -15.22 -18.47 -0.19
C LYS A 120 -14.45 -18.65 1.10
N GLU A 121 -15.16 -19.08 2.14
CA GLU A 121 -14.62 -19.34 3.47
C GLU A 121 -13.74 -18.17 3.97
N VAL A 122 -14.34 -16.99 3.90
CA VAL A 122 -13.77 -15.78 4.44
C VAL A 122 -13.77 -15.85 5.98
N LYS A 123 -12.60 -15.69 6.57
CA LYS A 123 -12.51 -15.54 8.02
C LYS A 123 -11.61 -14.37 8.39
N THR A 124 -11.81 -13.87 9.59
CA THR A 124 -10.97 -12.81 10.12
C THR A 124 -9.65 -13.42 10.62
N LEU A 125 -8.53 -12.75 10.33
CA LEU A 125 -7.24 -13.17 10.89
C LEU A 125 -6.82 -12.29 12.06
N ILE A 126 -6.98 -10.98 11.89
CA ILE A 126 -6.58 -9.98 12.86
C ILE A 126 -7.69 -8.96 12.99
N ASP A 127 -8.11 -8.73 14.24
CA ASP A 127 -9.30 -7.96 14.62
C ASP A 127 -8.93 -6.77 15.48
N GLY A 128 -9.85 -5.82 15.63
CA GLY A 128 -9.70 -4.74 16.58
C GLY A 128 -8.52 -3.79 16.43
N ILE A 129 -7.86 -3.76 15.27
CA ILE A 129 -6.88 -2.70 15.00
C ILE A 129 -7.62 -1.37 15.17
N PRO A 130 -7.06 -0.41 15.93
CA PRO A 130 -7.72 0.89 16.05
C PRO A 130 -7.96 1.60 14.72
N GLY A 131 -8.95 2.48 14.67
CA GLY A 131 -9.34 3.10 13.43
C GLY A 131 -10.02 4.44 13.64
N ALA A 132 -10.28 5.15 12.55
CA ALA A 132 -10.85 6.51 12.62
C ALA A 132 -11.22 7.00 11.23
N TYR A 133 -11.74 8.23 11.15
CA TYR A 133 -12.01 8.86 9.86
C TYR A 133 -10.69 9.02 9.10
N ILE A 134 -9.61 9.14 9.84
CA ILE A 134 -8.29 9.35 9.27
C ILE A 134 -7.33 8.33 9.87
N HIS A 135 -6.23 8.11 9.17
CA HIS A 135 -5.09 7.31 9.65
C HIS A 135 -5.39 5.85 9.97
N ASN A 136 -5.84 5.10 8.96
CA ASN A 136 -6.17 3.70 9.12
C ASN A 136 -5.13 2.77 8.52
N GLY A 137 -4.07 3.35 7.96
CA GLY A 137 -3.01 2.57 7.33
C GLY A 137 -3.58 1.85 6.14
N GLY A 138 -3.42 0.53 6.09
CA GLY A 138 -4.18 -0.25 5.12
C GLY A 138 -3.47 -1.10 4.09
N ARG A 139 -2.19 -0.81 3.82
CA ARG A 139 -1.43 -1.55 2.81
C ARG A 139 -0.97 -2.89 3.36
N ILE A 140 -1.24 -3.96 2.62
CA ILE A 140 -0.75 -5.28 3.01
C ILE A 140 -0.03 -5.94 1.83
N ARG A 141 1.04 -6.66 2.13
CA ARG A 141 1.89 -7.24 1.11
C ARG A 141 2.80 -8.33 1.69
N PHE A 142 2.99 -9.40 0.93
CA PHE A 142 3.93 -10.44 1.31
C PHE A 142 5.35 -10.05 0.95
N GLY A 143 6.26 -10.19 1.91
CA GLY A 143 7.65 -9.95 1.67
C GLY A 143 8.41 -11.19 1.23
N PRO A 144 9.73 -11.02 1.04
CA PRO A 144 10.65 -12.06 0.56
C PRO A 144 10.73 -13.25 1.51
N ASP A 145 10.41 -13.04 2.79
CA ASP A 145 10.45 -14.10 3.81
C ASP A 145 9.18 -14.93 3.79
N GLY A 146 8.21 -14.56 2.97
CA GLY A 146 6.96 -15.33 2.84
C GLY A 146 5.89 -14.89 3.83
N MET A 147 6.22 -13.87 4.65
CA MET A 147 5.30 -13.33 5.65
C MET A 147 4.42 -12.18 5.12
N LEU A 148 3.21 -12.06 5.67
CA LEU A 148 2.33 -10.96 5.37
C LEU A 148 2.65 -9.75 6.26
N TYR A 149 2.98 -8.63 5.63
CA TYR A 149 3.18 -7.37 6.31
C TYR A 149 1.97 -6.46 6.14
N ILE A 150 1.70 -5.64 7.16
CA ILE A 150 0.42 -4.91 7.28
C ILE A 150 0.75 -3.58 7.89
N THR A 151 0.41 -2.47 7.23
CA THR A 151 0.66 -1.13 7.76
C THR A 151 -0.60 -0.62 8.48
N THR A 152 -0.44 0.13 9.56
CA THR A 152 -1.59 0.68 10.30
C THR A 152 -1.25 2.11 10.71
N GLY A 153 -2.25 2.97 10.78
CA GLY A 153 -2.02 4.34 11.20
C GLY A 153 -2.37 4.61 12.66
N ASP A 154 -2.05 5.80 13.14
CA ASP A 154 -2.24 6.09 14.53
C ASP A 154 -3.71 6.31 14.90
N ALA A 155 -4.60 6.08 13.93
CA ALA A 155 -6.05 6.22 14.14
C ALA A 155 -6.44 7.54 14.81
N ALA A 156 -5.76 8.62 14.45
CA ALA A 156 -5.97 9.97 15.02
C ALA A 156 -5.57 10.07 16.50
N ASP A 157 -4.78 9.13 16.97
CA ASP A 157 -4.42 9.05 18.38
C ASP A 157 -2.93 8.78 18.45
N PRO A 158 -2.11 9.85 18.27
CA PRO A 158 -0.68 9.72 18.02
C PRO A 158 0.09 8.89 19.04
N ARG A 159 -0.21 9.02 20.32
CA ARG A 159 0.54 8.28 21.35
C ARG A 159 0.55 6.78 21.14
N LEU A 160 -0.46 6.24 20.45
CA LEU A 160 -0.58 4.80 20.27
C LEU A 160 0.60 4.26 19.46
N ALA A 161 1.13 5.12 18.58
CA ALA A 161 2.24 4.73 17.71
C ALA A 161 3.47 4.24 18.50
N GLN A 162 3.76 4.91 19.63
CA GLN A 162 4.86 4.51 20.53
C GLN A 162 4.49 3.37 21.47
N ASP A 163 3.20 3.06 21.57
CA ASP A 163 2.74 2.05 22.52
C ASP A 163 2.80 0.63 21.96
N LEU A 164 3.66 -0.20 22.53
CA LEU A 164 3.80 -1.58 22.02
C LEU A 164 2.66 -2.50 22.39
N SER A 165 1.74 -2.06 23.26
CA SER A 165 0.55 -2.87 23.47
C SER A 165 -0.54 -2.54 22.45
N SER A 166 -0.30 -1.57 21.58
CA SER A 166 -1.30 -1.21 20.58
C SER A 166 -0.92 -1.54 19.12
N LEU A 167 -1.88 -2.06 18.38
CA LEU A 167 -1.75 -2.34 16.96
C LEU A 167 -1.78 -1.09 16.07
N ALA A 168 -2.02 0.10 16.63
CA ALA A 168 -2.10 1.35 15.86
C ALA A 168 -0.72 1.99 15.66
N GLY A 169 -0.49 2.55 14.48
CA GLY A 169 0.76 3.22 14.17
C GLY A 169 1.92 2.26 14.03
N LYS A 170 1.68 1.15 13.37
CA LYS A 170 2.68 0.05 13.29
C LYS A 170 2.85 -0.43 11.87
N ILE A 171 3.89 -1.23 11.68
CA ILE A 171 3.90 -2.21 10.60
C ILE A 171 3.95 -3.54 11.31
N LEU A 172 2.98 -4.38 10.97
CA LEU A 172 2.80 -5.73 11.51
C LEU A 172 3.41 -6.77 10.58
N ARG A 173 3.75 -7.93 11.12
CA ARG A 173 4.26 -9.01 10.32
C ARG A 173 3.73 -10.33 10.89
N VAL A 174 2.90 -11.02 10.11
CA VAL A 174 2.30 -12.29 10.52
C VAL A 174 2.43 -13.37 9.44
N ASP A 175 2.18 -14.62 9.78
CA ASP A 175 2.21 -15.67 8.77
C ASP A 175 0.91 -15.75 8.01
N GLU A 176 0.82 -16.74 7.12
CA GLU A 176 -0.33 -16.89 6.22
C GLU A 176 -1.60 -17.12 7.02
N GLU A 177 -1.44 -17.40 8.31
CA GLU A 177 -2.58 -17.67 9.17
C GLU A 177 -2.88 -16.50 10.09
N GLY A 178 -2.03 -15.47 10.04
CA GLY A 178 -2.14 -14.33 10.94
C GLY A 178 -1.40 -14.48 12.26
N ARG A 179 -0.57 -15.53 12.39
CA ARG A 179 0.19 -15.76 13.63
C ARG A 179 1.49 -14.95 13.62
N PRO A 180 1.86 -14.34 14.76
CA PRO A 180 3.23 -13.79 14.83
C PRO A 180 4.22 -14.93 14.81
N PRO A 181 5.22 -14.86 13.91
CA PRO A 181 6.30 -15.83 13.88
C PRO A 181 7.16 -15.72 15.13
N ALA A 182 7.73 -16.84 15.55
CA ALA A 182 8.55 -16.90 16.78
C ALA A 182 9.66 -15.88 16.77
N ASP A 183 10.17 -15.53 15.60
CA ASP A 183 11.26 -14.55 15.55
C ASP A 183 10.82 -13.06 15.34
N ASN A 184 9.53 -12.76 15.52
CA ASN A 184 9.10 -11.36 15.61
C ASN A 184 9.87 -10.63 16.71
N PRO A 185 10.02 -9.31 16.62
CA PRO A 185 10.89 -8.66 17.62
C PRO A 185 10.34 -8.62 19.04
N PHE A 186 9.02 -8.78 19.20
CA PHE A 186 8.41 -8.60 20.50
C PHE A 186 7.62 -9.83 20.92
N PRO A 187 7.48 -10.06 22.24
CA PRO A 187 6.94 -11.35 22.72
C PRO A 187 5.53 -11.61 22.20
N ASN A 188 5.34 -12.72 21.48
CA ASN A 188 4.04 -13.12 20.94
C ASN A 188 3.19 -11.93 20.45
N SER A 189 3.80 -11.13 19.58
CA SER A 189 3.17 -9.91 19.11
C SER A 189 3.40 -9.78 17.61
N PRO A 190 2.36 -9.35 16.87
CA PRO A 190 2.46 -9.12 15.43
C PRO A 190 3.31 -7.89 15.05
N ILE A 191 3.77 -7.11 16.03
CA ILE A 191 4.49 -5.89 15.68
C ILE A 191 5.85 -6.17 15.02
N TRP A 192 6.14 -5.47 13.93
CA TRP A 192 7.44 -5.55 13.28
C TRP A 192 8.24 -4.31 13.57
N SER A 193 7.64 -3.16 13.27
CA SER A 193 8.20 -1.85 13.61
C SER A 193 7.07 -0.93 14.07
N TYR A 194 7.45 0.21 14.66
CA TYR A 194 6.49 1.10 15.26
C TYR A 194 6.91 2.54 15.09
N GLY A 195 6.17 3.44 15.73
CA GLY A 195 6.43 4.88 15.62
C GLY A 195 6.05 5.44 14.26
N HIS A 196 4.95 4.91 13.70
CA HIS A 196 4.37 5.36 12.42
C HIS A 196 3.13 6.23 12.57
N ARG A 197 2.98 7.21 11.70
CA ARG A 197 1.82 8.06 11.70
C ARG A 197 0.72 7.46 10.85
N ASN A 198 0.93 7.46 9.54
CA ASN A 198 -0.02 6.83 8.61
C ASN A 198 0.65 6.21 7.39
N PRO A 199 1.28 5.04 7.57
CA PRO A 199 1.94 4.41 6.43
C PRO A 199 0.96 3.68 5.51
N GLN A 200 1.06 3.95 4.21
CA GLN A 200 0.19 3.32 3.20
C GLN A 200 0.99 2.68 2.04
N GLY A 201 2.28 2.45 2.25
CA GLY A 201 3.11 1.91 1.18
C GLY A 201 4.25 1.10 1.73
N ILE A 202 4.38 -0.12 1.22
CA ILE A 202 5.54 -0.97 1.53
C ILE A 202 6.00 -1.75 0.33
N ASP A 203 7.31 -1.91 0.20
CA ASP A 203 7.89 -2.88 -0.73
C ASP A 203 9.32 -3.31 -0.34
N TRP A 204 9.81 -4.34 -1.02
CA TRP A 204 11.17 -4.82 -0.83
C TRP A 204 12.02 -4.69 -2.11
N HIS A 205 13.18 -4.08 -1.95
CA HIS A 205 14.17 -3.93 -3.04
C HIS A 205 14.51 -5.32 -3.57
N ARG A 206 14.30 -5.52 -4.86
CA ARG A 206 14.27 -6.89 -5.41
C ARG A 206 15.63 -7.60 -5.37
N ALA A 207 16.72 -6.84 -5.23
CA ALA A 207 18.05 -7.43 -5.14
C ALA A 207 18.54 -7.62 -3.69
N SER A 208 18.50 -6.53 -2.91
CA SER A 208 19.07 -6.52 -1.57
C SER A 208 18.13 -7.06 -0.52
N GLY A 209 16.85 -7.18 -0.87
CA GLY A 209 15.80 -7.51 0.11
C GLY A 209 15.56 -6.46 1.19
N VAL A 210 16.10 -5.25 1.04
CA VAL A 210 15.86 -4.17 1.97
C VAL A 210 14.38 -3.74 1.90
N MET A 211 13.74 -3.54 3.05
CA MET A 211 12.33 -3.15 3.09
C MET A 211 12.16 -1.65 3.16
N VAL A 212 11.21 -1.15 2.40
CA VAL A 212 10.96 0.25 2.36
C VAL A 212 9.49 0.51 2.65
N ALA A 213 9.18 1.68 3.22
CA ALA A 213 7.80 2.06 3.47
C ALA A 213 7.61 3.57 3.31
N THR A 214 6.43 3.98 2.88
CA THR A 214 6.11 5.42 2.83
C THR A 214 5.24 5.81 4.02
N GLU A 215 5.06 7.11 4.24
CA GLU A 215 4.23 7.56 5.35
C GLU A 215 3.80 8.97 5.09
N HIS A 216 2.56 9.31 5.48
CA HIS A 216 2.10 10.69 5.54
C HIS A 216 2.57 11.37 6.81
N GLY A 217 3.09 12.60 6.68
CA GLY A 217 3.55 13.36 7.82
C GLY A 217 2.50 14.37 8.25
N PRO A 218 2.75 15.04 9.37
CA PRO A 218 1.80 16.07 9.81
C PRO A 218 1.91 17.30 8.90
N VAL A 219 1.03 17.37 7.90
CA VAL A 219 1.04 18.40 6.84
C VAL A 219 2.25 18.16 5.94
N GLY A 220 3.41 18.68 6.33
CA GLY A 220 4.64 18.36 5.63
C GLY A 220 5.24 17.09 6.20
N HIS A 221 6.52 16.85 5.93
CA HIS A 221 7.26 15.71 6.49
C HIS A 221 6.74 14.34 6.12
N ASP A 222 6.31 14.18 4.87
CA ASP A 222 6.07 12.85 4.34
C ASP A 222 7.40 12.12 4.28
N GLU A 223 7.37 10.80 4.35
CA GLU A 223 8.58 10.05 4.57
C GLU A 223 8.71 8.85 3.66
N VAL A 224 9.95 8.50 3.38
CA VAL A 224 10.29 7.16 2.93
C VAL A 224 11.25 6.61 3.97
N ASN A 225 10.96 5.40 4.46
CA ASN A 225 11.77 4.82 5.53
C ASN A 225 12.31 3.49 5.10
N ILE A 226 13.52 3.15 5.55
CA ILE A 226 13.99 1.77 5.43
C ILE A 226 13.55 1.06 6.70
N ILE A 227 12.77 -0.01 6.54
CA ILE A 227 12.17 -0.66 7.69
C ILE A 227 13.05 -1.78 8.23
N LEU A 228 13.54 -1.56 9.46
CA LEU A 228 14.27 -2.56 10.22
C LEU A 228 13.39 -3.28 11.25
N LYS A 229 13.66 -4.58 11.43
CA LYS A 229 13.07 -5.36 12.52
C LYS A 229 13.14 -4.61 13.86
N GLY A 230 11.99 -4.39 14.48
CA GLY A 230 11.92 -3.80 15.80
C GLY A 230 12.23 -2.33 15.86
N GLY A 231 12.31 -1.66 14.70
CA GLY A 231 12.68 -0.25 14.66
C GLY A 231 11.60 0.70 15.11
N ASN A 232 12.00 1.79 15.75
CA ASN A 232 11.11 2.86 16.17
C ASN A 232 11.30 4.08 15.29
N TYR A 233 10.25 4.42 14.54
CA TYR A 233 10.34 5.46 13.51
C TYR A 233 9.92 6.83 14.01
N GLY A 234 9.76 6.96 15.33
CA GLY A 234 9.71 8.26 16.00
C GLY A 234 8.40 8.97 16.28
N TRP A 235 7.35 8.64 15.52
CA TRP A 235 6.08 9.34 15.68
C TRP A 235 5.42 8.94 17.02
N PRO A 236 4.90 9.93 17.78
CA PRO A 236 4.84 11.39 17.57
C PRO A 236 5.90 12.24 18.28
N LEU A 237 6.97 11.60 18.74
CA LEU A 237 8.08 12.28 19.44
C LEU A 237 9.01 12.97 18.43
N ALA A 238 8.93 12.51 17.18
CA ALA A 238 9.81 12.98 16.12
C ALA A 238 9.12 12.78 14.77
N THR A 239 9.46 13.68 13.86
CA THR A 239 8.88 13.74 12.53
C THR A 239 9.98 14.16 11.53
N GLY A 240 10.09 13.46 10.41
CA GLY A 240 11.19 13.71 9.49
C GLY A 240 12.56 13.31 10.05
N LYS A 241 13.62 13.98 9.60
CA LYS A 241 14.96 13.66 10.07
C LYS A 241 15.24 14.34 11.40
N ALA A 242 15.11 13.59 12.49
CA ALA A 242 15.25 14.18 13.81
C ALA A 242 16.69 14.07 14.35
N GLY A 243 17.49 13.16 13.81
CA GLY A 243 18.89 13.04 14.19
C GLY A 243 19.14 12.62 15.64
N ARG A 244 18.33 11.70 16.15
CA ARG A 244 18.48 11.21 17.52
C ARG A 244 18.63 9.71 17.45
N GLY A 245 19.47 9.18 18.35
CA GLY A 245 19.74 7.75 18.42
C GLY A 245 18.52 6.87 18.64
N GLU A 246 17.55 7.35 19.40
CA GLU A 246 16.42 6.52 19.78
C GLU A 246 15.36 6.29 18.68
N PHE A 247 15.39 7.09 17.61
CA PHE A 247 14.43 6.96 16.50
C PHE A 247 15.11 6.79 15.14
N VAL A 248 14.78 5.73 14.41
CA VAL A 248 15.19 5.58 13.00
C VAL A 248 14.61 6.69 12.11
N ASP A 249 15.50 7.47 11.50
CA ASP A 249 15.15 8.59 10.64
C ASP A 249 14.73 8.13 9.23
N PRO A 250 13.92 8.96 8.57
CA PRO A 250 13.63 8.65 7.18
C PRO A 250 14.79 8.96 6.21
N VAL A 251 14.79 8.22 5.11
CA VAL A 251 15.77 8.37 4.08
C VAL A 251 15.36 9.53 3.16
N ILE A 252 14.05 9.85 3.12
CA ILE A 252 13.55 11.05 2.46
C ILE A 252 12.58 11.70 3.42
N ASP A 253 12.63 13.02 3.51
CA ASP A 253 11.79 13.78 4.38
C ASP A 253 11.36 15.01 3.60
N THR A 254 10.07 15.16 3.27
CA THR A 254 9.67 16.17 2.29
C THR A 254 9.65 17.59 2.84
N GLY A 255 10.02 17.75 4.11
CA GLY A 255 10.12 19.07 4.71
C GLY A 255 8.78 19.77 4.72
N SER A 256 8.73 20.98 4.21
CA SER A 256 7.48 21.72 4.26
C SER A 256 6.61 21.47 3.03
N GLU A 257 7.09 20.58 2.15
CA GLU A 257 6.33 20.16 0.98
C GLU A 257 5.41 18.96 1.33
N THR A 258 4.27 18.86 0.64
CA THR A 258 3.36 17.72 0.80
C THR A 258 3.26 16.82 -0.45
N TRP A 259 3.73 15.58 -0.35
CA TRP A 259 3.47 14.57 -1.38
C TRP A 259 2.17 13.79 -1.17
N ALA A 260 1.86 13.46 0.09
CA ALA A 260 0.83 12.50 0.45
C ALA A 260 1.06 11.18 -0.27
N PRO A 261 2.18 10.50 0.01
CA PRO A 261 2.46 9.23 -0.66
C PRO A 261 1.60 8.10 -0.12
N SER A 262 1.15 7.16 -0.97
CA SER A 262 0.65 5.86 -0.49
C SER A 262 1.43 4.73 -1.06
N GLY A 263 0.84 4.05 -2.05
CA GLY A 263 1.45 2.83 -2.59
C GLY A 263 2.85 3.04 -3.13
N ALA A 264 3.69 2.01 -3.04
CA ALA A 264 5.05 2.14 -3.51
C ALA A 264 5.53 0.79 -3.97
N SER A 265 6.22 0.78 -5.12
CA SER A 265 6.83 -0.46 -5.61
C SER A 265 8.18 -0.20 -6.23
N PHE A 266 9.10 -1.12 -6.00
CA PHE A 266 10.36 -1.14 -6.74
C PHE A 266 10.12 -1.66 -8.17
N VAL A 267 10.73 -0.98 -9.15
CA VAL A 267 10.63 -1.38 -10.55
C VAL A 267 11.50 -2.61 -10.78
N HIS A 268 10.98 -3.56 -11.55
CA HIS A 268 11.70 -4.76 -11.94
C HIS A 268 11.06 -5.33 -13.19
N GLY A 269 11.77 -6.23 -13.86
CA GLY A 269 11.23 -6.85 -15.07
C GLY A 269 11.85 -6.28 -16.34
N ASP A 270 11.29 -6.70 -17.47
CA ASP A 270 11.93 -6.51 -18.78
C ASP A 270 11.64 -5.15 -19.38
N MET A 271 10.43 -4.66 -19.12
CA MET A 271 9.90 -3.45 -19.73
C MET A 271 10.80 -2.23 -19.61
N PHE A 272 11.18 -1.89 -18.39
CA PHE A 272 11.98 -0.70 -18.15
C PHE A 272 13.29 -1.10 -17.48
N PRO A 273 14.29 -1.51 -18.28
CA PRO A 273 15.57 -1.95 -17.71
C PRO A 273 16.28 -0.81 -16.99
N GLY A 274 16.17 0.40 -17.53
CA GLY A 274 16.88 1.55 -16.97
C GLY A 274 16.23 2.15 -15.73
N LEU A 275 15.09 1.60 -15.33
CA LEU A 275 14.45 1.95 -14.07
C LEU A 275 14.57 0.83 -13.02
N ARG A 276 15.33 -0.22 -13.33
CA ARG A 276 15.48 -1.36 -12.43
C ARG A 276 15.98 -0.88 -11.06
N GLY A 277 15.30 -1.33 -10.00
CA GLY A 277 15.62 -0.95 -8.64
C GLY A 277 15.31 0.48 -8.20
N TRP A 278 14.64 1.27 -9.05
CA TRP A 278 14.10 2.56 -8.60
C TRP A 278 12.80 2.30 -7.83
N LEU A 279 12.51 3.17 -6.87
CA LEU A 279 11.29 3.06 -6.08
C LEU A 279 10.24 3.99 -6.64
N LEU A 280 9.10 3.43 -7.03
CA LEU A 280 7.97 4.21 -7.51
C LEU A 280 7.00 4.49 -6.37
N ILE A 281 6.54 5.73 -6.29
CA ILE A 281 5.62 6.15 -5.24
C ILE A 281 4.45 6.97 -5.77
N ALA A 282 3.24 6.46 -5.59
CA ALA A 282 2.02 7.17 -5.94
C ALA A 282 1.68 8.24 -4.88
N CYS A 283 1.40 9.45 -5.32
CA CYS A 283 1.15 10.56 -4.41
C CYS A 283 -0.26 11.10 -4.58
N LEU A 284 -0.95 11.28 -3.45
CA LEU A 284 -2.33 11.73 -3.45
C LEU A 284 -2.41 13.23 -3.70
N ARG A 285 -2.27 14.05 -2.68
CA ARG A 285 -2.32 15.47 -2.90
C ARG A 285 -1.18 15.91 -3.84
N GLY A 286 -0.01 15.30 -3.71
CA GLY A 286 1.09 15.51 -4.64
C GLY A 286 0.67 15.33 -6.10
N SER A 287 -0.33 14.48 -6.37
CA SER A 287 -0.89 14.28 -7.71
C SER A 287 0.22 13.97 -8.72
N MET A 288 1.00 12.94 -8.44
CA MET A 288 2.21 12.67 -9.22
C MET A 288 2.75 11.30 -8.91
N LEU A 289 3.67 10.83 -9.74
CA LEU A 289 4.39 9.60 -9.48
C LEU A 289 5.82 10.02 -9.17
N ALA A 290 6.27 9.79 -7.94
CA ALA A 290 7.67 10.04 -7.58
C ALA A 290 8.48 8.80 -7.88
N ALA A 291 9.71 9.01 -8.35
CA ALA A 291 10.64 7.90 -8.60
C ALA A 291 11.92 8.19 -7.87
N VAL A 292 12.39 7.21 -7.12
CA VAL A 292 13.57 7.36 -6.27
C VAL A 292 14.62 6.32 -6.64
N ASN A 293 15.82 6.81 -6.90
CA ASN A 293 16.93 5.98 -7.29
C ASN A 293 17.82 5.75 -6.08
N PHE A 294 17.96 4.50 -5.67
CA PHE A 294 18.84 4.15 -4.58
C PHE A 294 20.21 3.67 -5.08
N GLY A 295 21.28 4.26 -4.54
CA GLY A 295 22.64 3.82 -4.84
C GLY A 295 23.00 2.51 -4.13
N ASP A 296 24.28 2.16 -4.18
CA ASP A 296 24.81 1.00 -3.42
C ASP A 296 24.61 1.33 -1.95
N ASN A 297 24.17 0.33 -1.17
CA ASN A 297 23.87 0.56 0.25
C ASN A 297 22.75 1.59 0.46
N MET A 298 21.75 1.57 -0.45
CA MET A 298 20.46 2.26 -0.28
C MET A 298 20.52 3.73 0.07
N GLU A 299 21.56 4.41 -0.42
CA GLU A 299 21.64 5.85 -0.34
C GLU A 299 20.79 6.48 -1.46
N VAL A 300 20.16 7.61 -1.17
CA VAL A 300 19.32 8.28 -2.16
C VAL A 300 20.17 9.01 -3.23
N ARG A 301 20.29 8.40 -4.41
CA ARG A 301 21.00 9.00 -5.55
C ARG A 301 20.20 10.17 -6.12
N LYS A 302 18.93 9.92 -6.45
CA LYS A 302 18.11 10.88 -7.17
C LYS A 302 16.61 10.72 -6.93
N ILE A 303 15.89 11.83 -6.93
CA ILE A 303 14.44 11.75 -6.99
C ILE A 303 13.82 12.53 -8.16
N SER A 304 13.07 11.79 -8.99
CA SER A 304 12.36 12.38 -10.15
C SER A 304 10.85 12.35 -9.94
N THR A 305 10.17 13.27 -10.60
CA THR A 305 8.77 13.53 -10.37
C THR A 305 7.96 13.54 -11.69
N PHE A 306 6.95 12.70 -11.80
CA PHE A 306 6.23 12.55 -13.06
C PHE A 306 4.73 12.81 -12.96
N PHE A 307 4.17 13.29 -14.08
CA PHE A 307 2.73 13.44 -14.28
C PHE A 307 2.08 14.38 -13.27
N LYS A 308 2.82 15.40 -12.88
CA LYS A 308 2.29 16.38 -11.95
C LYS A 308 0.99 17.00 -12.45
N ASN A 309 -0.09 16.73 -11.72
CA ASN A 309 -1.42 17.25 -12.01
C ASN A 309 -2.05 16.84 -13.35
N VAL A 310 -1.55 15.81 -14.04
CA VAL A 310 -2.24 15.41 -15.28
C VAL A 310 -3.40 14.43 -15.03
N PHE A 311 -3.20 13.49 -14.11
CA PHE A 311 -4.22 12.53 -13.72
C PHE A 311 -4.94 12.85 -12.41
N GLY A 312 -4.47 13.85 -11.66
CA GLY A 312 -4.99 14.11 -10.33
C GLY A 312 -4.33 13.17 -9.31
N ARG A 313 -5.11 12.72 -8.33
CA ARG A 313 -4.58 12.02 -7.16
C ARG A 313 -4.19 10.58 -7.52
N LEU A 314 -3.00 10.15 -7.15
CA LEU A 314 -2.58 8.76 -7.41
C LEU A 314 -2.39 7.98 -6.10
N ARG A 315 -2.73 6.70 -6.13
CA ARG A 315 -2.87 5.94 -4.90
C ARG A 315 -1.99 4.70 -4.81
N ASP A 316 -2.08 3.82 -5.80
CA ASP A 316 -1.29 2.61 -5.76
C ASP A 316 -0.40 2.56 -6.99
N VAL A 317 0.75 1.89 -6.88
CA VAL A 317 1.64 1.61 -8.02
C VAL A 317 2.18 0.23 -7.84
N VAL A 318 2.00 -0.59 -8.88
CA VAL A 318 2.53 -1.95 -8.89
C VAL A 318 3.11 -2.28 -10.27
N ILE A 319 4.03 -3.23 -10.28
CA ILE A 319 4.60 -3.76 -11.52
C ILE A 319 3.77 -4.93 -12.03
N ASP A 320 3.46 -4.93 -13.32
CA ASP A 320 2.68 -6.00 -13.94
C ASP A 320 3.61 -7.17 -14.25
N ASP A 321 3.04 -8.31 -14.66
CA ASP A 321 3.84 -9.52 -14.94
C ASP A 321 4.96 -9.29 -15.97
N ASP A 322 4.68 -8.43 -16.96
CA ASP A 322 5.65 -8.03 -18.01
C ASP A 322 6.65 -6.93 -17.60
N GLY A 323 6.41 -6.28 -16.46
CA GLY A 323 7.31 -5.23 -15.97
C GLY A 323 6.71 -3.85 -16.18
N GLY A 324 5.49 -3.83 -16.73
CA GLY A 324 4.76 -2.60 -16.91
C GLY A 324 4.34 -1.99 -15.57
N ILE A 325 4.23 -0.67 -15.56
CA ILE A 325 3.87 0.06 -14.37
C ILE A 325 2.37 0.29 -14.29
N LEU A 326 1.74 -0.24 -13.25
CA LEU A 326 0.30 -0.04 -13.02
C LEU A 326 0.06 1.02 -11.94
N ILE A 327 -0.83 1.99 -12.22
CA ILE A 327 -1.12 3.09 -11.31
C ILE A 327 -2.64 3.22 -11.15
N SER A 328 -3.09 3.63 -9.95
CA SER A 328 -4.50 3.86 -9.68
C SER A 328 -4.68 5.30 -9.38
N THR A 329 -5.83 5.82 -9.77
CA THR A 329 -6.15 7.19 -9.49
C THR A 329 -7.14 7.19 -8.34
N SER A 330 -7.23 8.31 -7.65
CA SER A 330 -8.06 8.38 -6.48
C SER A 330 -8.73 9.75 -6.42
N ASN A 331 -9.34 10.16 -7.53
CA ASN A 331 -10.04 11.43 -7.60
C ASN A 331 -11.48 11.31 -7.11
N ARG A 332 -11.95 10.08 -7.00
CA ARG A 332 -13.30 9.87 -6.50
C ARG A 332 -13.48 9.81 -4.98
N ASP A 333 -12.41 10.03 -4.21
CA ASP A 333 -12.56 10.23 -2.78
C ASP A 333 -13.03 11.65 -2.51
N GLY A 334 -13.15 12.42 -3.59
CA GLY A 334 -13.50 13.82 -3.52
C GLY A 334 -12.61 14.53 -2.51
N ARG A 335 -11.30 14.44 -2.72
CA ARG A 335 -10.33 15.39 -2.17
C ARG A 335 -9.66 15.97 -3.39
N GLY A 336 -10.14 15.51 -4.55
CA GLY A 336 -9.73 16.07 -5.82
C GLY A 336 -10.87 16.12 -6.81
N SER A 337 -10.59 16.76 -7.96
CA SER A 337 -11.57 16.92 -9.03
C SER A 337 -11.49 15.78 -10.05
N LEU A 338 -12.63 15.44 -10.63
CA LEU A 338 -12.76 14.27 -11.49
C LEU A 338 -12.38 14.50 -12.96
N ARG A 339 -11.74 13.51 -13.58
CA ARG A 339 -11.64 13.46 -15.04
C ARG A 339 -12.71 12.48 -15.57
N ALA A 340 -13.11 12.61 -16.84
CA ALA A 340 -14.07 11.66 -17.41
C ALA A 340 -13.62 10.24 -17.18
N GLY A 341 -14.50 9.42 -16.57
CA GLY A 341 -14.21 7.99 -16.39
C GLY A 341 -13.26 7.63 -15.23
N ASP A 342 -12.91 8.61 -14.39
CA ASP A 342 -12.23 8.33 -13.12
C ASP A 342 -13.11 7.40 -12.26
N ASP A 343 -12.49 6.58 -11.41
CA ASP A 343 -11.04 6.49 -11.30
C ASP A 343 -10.56 5.39 -12.20
N LYS A 344 -9.27 5.37 -12.48
CA LYS A 344 -8.76 4.33 -13.36
C LYS A 344 -7.51 3.62 -12.91
N ILE A 345 -7.21 2.56 -13.63
CA ILE A 345 -5.92 1.92 -13.58
C ILE A 345 -5.21 2.19 -14.92
N LEU A 346 -4.03 2.79 -14.83
CA LEU A 346 -3.24 3.15 -15.98
C LEU A 346 -2.11 2.17 -16.06
N LYS A 347 -1.71 1.80 -17.27
CA LYS A 347 -0.52 0.96 -17.44
C LYS A 347 0.51 1.73 -18.26
N ILE A 348 1.77 1.69 -17.85
CA ILE A 348 2.82 2.37 -18.54
C ILE A 348 3.74 1.30 -19.10
N VAL A 349 3.92 1.32 -20.42
CA VAL A 349 4.82 0.40 -21.13
C VAL A 349 5.89 1.20 -21.89
N SER A 350 6.94 0.51 -22.33
CA SER A 350 8.00 1.16 -23.14
C SER A 350 7.48 1.45 -24.53
N GLU A 351 8.14 2.40 -25.20
CA GLU A 351 7.75 2.85 -26.54
C GLU A 351 7.60 1.75 -27.61
N GLN A 352 8.55 0.81 -27.66
CA GLN A 352 8.51 -0.29 -28.65
C GLN A 352 7.63 -1.49 -28.20
N HIS A 353 6.46 -1.17 -27.65
CA HIS A 353 5.52 -2.18 -27.13
C HIS A 353 4.11 -1.91 -27.65
#